data_6YA7
#
_entry.id   6YA7
#
_cell.length_a   62.280
_cell.length_b   62.280
_cell.length_c   234.790
_cell.angle_alpha   90.000
_cell.angle_beta   90.000
_cell.angle_gamma   90.000
#
_symmetry.space_group_name_H-M   'P 41 21 2'
#
loop_
_entity.id
_entity.type
_entity.pdbx_description
1 polymer 'Cell division cycle 7-related protein kinase,Cell division cycle 7-related protein kinase,Cell division cycle 7-related protein kinase'
2 polymer 'Protein DBF4 homolog A'
3 polymer 'DNA replication licensing factor MCM2'
4 non-polymer 'ZINC ION'
5 non-polymer "ADENOSINE-5'-DIPHOSPHATE"
6 water water
#
loop_
_entity_poly.entity_id
_entity_poly.type
_entity_poly.pdbx_seq_one_letter_code
_entity_poly.pdbx_strand_id
1 'polypeptide(L)'
;LAGVKKDIEKLYEAVPQLSNVFKIEDKIGEGTFSSVYLATAQLQVGPEEKIALKHLIPTSHPIRIAAELQCLTVAGGQDN
VMGVKYCFRKNDHVVIAMPYLEHESFLDILNSLSFQEVREYMLNLFKALKRIHQFGIVHRDVKPSNFLYNRRLKKYALVD
FGLAQGTHDTKIELLKFVQSEAQQERCSQNKPASLTCDCYATDKVCSICLSRRQQVAPRAGTPGFRAPEVLTKCPNQTTA
IDMWSAGVIFLSLLSGRYPFYKASDDLTALAQIMTIRGSRETIQAAKTFGKSILCSKEVPAQDLRKLCERLRGAGAGGWN
EVPDEAYDLLDKLLDLNPASRITAEEALLHPFFKDMSL
;
A
2 'polypeptide(L)'
;GPGTRTGRLKKPFVKVEDMSQLYRPFYLQLTNMPFINYSIQKPCSPFDVDKPSSMQKQTQVKLRIQTDGDKYGGTSIQLQ
LKEKKKKGYCECCLQKYEDLETHLLSEQHRNFAQSNQYQVVDDIVSKLVFDFVEYEKDTPKKKR
;
B
3 'polypeptide(L)' RRTDALT(7O5)(SEP)PGRDLP C
#
# COMPACT_ATOMS: atom_id res chain seq x y z
N GLY A 3 -5.10 9.07 -26.75
CA GLY A 3 -4.40 9.05 -25.48
C GLY A 3 -3.91 7.66 -25.08
N VAL A 4 -4.87 6.76 -24.79
CA VAL A 4 -4.52 5.38 -24.53
C VAL A 4 -3.84 4.76 -25.75
N LYS A 5 -4.27 5.15 -26.95
CA LYS A 5 -3.71 4.58 -28.17
C LYS A 5 -2.23 4.89 -28.32
N LYS A 6 -1.82 6.10 -27.99
CA LYS A 6 -0.40 6.44 -28.12
C LYS A 6 0.42 5.72 -27.06
N ASP A 7 -0.12 5.61 -25.85
CA ASP A 7 0.56 4.85 -24.80
C ASP A 7 0.79 3.40 -25.23
N ILE A 8 -0.22 2.78 -25.83
CA ILE A 8 -0.07 1.39 -26.28
C ILE A 8 0.98 1.31 -27.39
N GLU A 9 0.91 2.20 -28.37
CA GLU A 9 1.92 2.20 -29.41
C GLU A 9 3.33 2.35 -28.82
N LYS A 10 3.48 3.24 -27.84
CA LYS A 10 4.79 3.44 -27.23
C LYS A 10 5.25 2.22 -26.45
N LEU A 11 4.31 1.46 -25.88
CA LEU A 11 4.70 0.24 -25.17
C LEU A 11 5.24 -0.81 -26.14
N TYR A 12 4.55 -1.00 -27.26
CA TYR A 12 5.11 -1.90 -28.27
C TYR A 12 6.49 -1.45 -28.74
N GLU A 13 6.70 -0.15 -28.86
CA GLU A 13 8.01 0.36 -29.28
C GLU A 13 9.07 0.11 -28.22
N ALA A 14 8.68 0.24 -26.94
CA ALA A 14 9.61 0.08 -25.83
C ALA A 14 10.05 -1.36 -25.67
N VAL A 15 9.13 -2.30 -25.87
CA VAL A 15 9.42 -3.72 -25.68
C VAL A 15 8.93 -4.45 -26.93
N PRO A 16 9.74 -4.48 -27.99
CA PRO A 16 9.24 -4.95 -29.28
C PRO A 16 8.81 -6.40 -29.31
N GLN A 17 9.38 -7.26 -28.46
CA GLN A 17 8.91 -8.65 -28.43
C GLN A 17 7.42 -8.74 -28.17
N LEU A 18 6.83 -7.76 -27.46
CA LEU A 18 5.41 -7.85 -27.16
C LEU A 18 4.57 -7.88 -28.43
N SER A 19 5.04 -7.22 -29.50
CA SER A 19 4.29 -7.15 -30.75
CA SER A 19 4.23 -7.16 -30.72
C SER A 19 4.09 -8.51 -31.39
N ASN A 20 4.97 -9.47 -31.08
CA ASN A 20 4.86 -10.79 -31.67
C ASN A 20 4.10 -11.77 -30.81
N VAL A 21 3.58 -11.33 -29.67
CA VAL A 21 2.94 -12.25 -28.74
C VAL A 21 1.55 -11.76 -28.36
N PHE A 22 1.43 -10.46 -28.06
CA PHE A 22 0.20 -9.91 -27.50
C PHE A 22 -0.49 -8.95 -28.44
N LYS A 23 -1.82 -8.96 -28.39
CA LYS A 23 -2.66 -7.86 -28.86
C LYS A 23 -3.08 -7.04 -27.65
N ILE A 24 -2.50 -5.86 -27.52
CA ILE A 24 -2.76 -5.00 -26.37
C ILE A 24 -4.03 -4.23 -26.68
N GLU A 25 -5.07 -4.43 -25.86
CA GLU A 25 -6.40 -3.91 -26.17
C GLU A 25 -6.73 -2.60 -25.45
N ASP A 26 -6.28 -2.42 -24.22
CA ASP A 26 -6.69 -1.25 -23.45
C ASP A 26 -5.75 -1.08 -22.26
N LYS A 27 -5.76 0.12 -21.70
CA LYS A 27 -5.05 0.41 -20.46
C LYS A 27 -6.04 0.31 -19.32
N ILE A 28 -5.76 -0.57 -18.35
CA ILE A 28 -6.68 -0.82 -17.25
C ILE A 28 -6.16 -0.26 -15.94
N GLY A 29 -4.93 0.20 -15.89
CA GLY A 29 -4.42 0.73 -14.65
C GLY A 29 -3.36 1.76 -14.88
N GLU A 30 -3.37 2.83 -14.09
CA GLU A 30 -2.34 3.84 -14.15
C GLU A 30 -2.02 4.18 -12.72
N GLY A 31 -0.81 3.85 -12.27
CA GLY A 31 -0.42 4.09 -10.90
C GLY A 31 0.92 4.79 -10.84
N THR A 32 1.36 5.01 -9.59
CA THR A 32 2.59 5.77 -9.38
C THR A 32 3.81 5.07 -9.98
N PHE A 33 3.85 3.73 -9.91
CA PHE A 33 5.07 3.02 -10.29
C PHE A 33 4.85 2.06 -11.45
N SER A 34 3.70 2.13 -12.11
CA SER A 34 3.44 1.19 -13.21
C SER A 34 2.19 1.59 -13.97
N SER A 35 2.04 1.02 -15.16
CA SER A 35 0.80 1.07 -15.90
C SER A 35 0.46 -0.37 -16.23
N VAL A 36 -0.82 -0.68 -16.29
CA VAL A 36 -1.24 -2.06 -16.54
C VAL A 36 -2.17 -2.05 -17.75
N TYR A 37 -1.93 -2.99 -18.66
CA TYR A 37 -2.70 -3.09 -19.90
C TYR A 37 -3.40 -4.43 -19.98
N LEU A 38 -4.57 -4.43 -20.64
CA LEU A 38 -5.27 -5.67 -20.95
C LEU A 38 -4.83 -6.14 -22.33
N ALA A 39 -4.49 -7.41 -22.46
CA ALA A 39 -4.00 -7.94 -23.73
C ALA A 39 -4.55 -9.34 -23.93
N THR A 40 -4.55 -9.79 -25.18
CA THR A 40 -4.94 -11.14 -25.53
C THR A 40 -3.72 -11.85 -26.05
N ALA A 41 -3.55 -13.09 -25.63
CA ALA A 41 -2.48 -13.92 -26.20
C ALA A 41 -3.02 -15.30 -26.52
N GLN A 42 -2.30 -16.00 -27.38
CA GLN A 42 -2.60 -17.40 -27.68
C GLN A 42 -1.64 -18.27 -26.89
N LEU A 43 -2.16 -19.36 -26.32
CA LEU A 43 -1.33 -20.29 -25.57
C LEU A 43 -0.89 -21.42 -26.50
N GLN A 44 0.34 -21.90 -26.30
CA GLN A 44 0.81 -23.02 -27.11
C GLN A 44 -0.12 -24.23 -26.98
N VAL A 45 -0.65 -24.48 -25.78
CA VAL A 45 -1.42 -25.71 -25.56
C VAL A 45 -2.83 -25.45 -25.03
N GLY A 46 -3.25 -24.21 -24.90
CA GLY A 46 -4.57 -23.94 -24.40
C GLY A 46 -5.31 -22.98 -25.29
N PRO A 47 -6.49 -22.54 -24.88
CA PRO A 47 -7.21 -21.54 -25.66
C PRO A 47 -6.57 -20.17 -25.48
N GLU A 48 -7.09 -19.22 -26.23
CA GLU A 48 -6.73 -17.82 -26.07
C GLU A 48 -6.98 -17.38 -24.64
N GLU A 49 -6.10 -16.51 -24.12
CA GLU A 49 -6.19 -16.03 -22.74
C GLU A 49 -6.12 -14.51 -22.68
N LYS A 50 -6.84 -13.93 -21.73
CA LYS A 50 -6.63 -12.53 -21.40
C LYS A 50 -5.49 -12.42 -20.41
N ILE A 51 -4.66 -11.41 -20.61
CA ILE A 51 -3.41 -11.22 -19.90
C ILE A 51 -3.36 -9.79 -19.42
N ALA A 52 -2.89 -9.58 -18.18
CA ALA A 52 -2.59 -8.25 -17.70
C ALA A 52 -1.09 -8.02 -17.84
N LEU A 53 -0.71 -6.97 -18.56
CA LEU A 53 0.69 -6.63 -18.79
C LEU A 53 1.01 -5.45 -17.90
N LYS A 54 1.90 -5.65 -16.93
CA LYS A 54 2.28 -4.56 -16.04
C LYS A 54 3.62 -4.00 -16.48
N HIS A 55 3.61 -2.74 -16.94
CA HIS A 55 4.80 -2.04 -17.39
C HIS A 55 5.37 -1.27 -16.20
N LEU A 56 6.50 -1.70 -15.68
CA LEU A 56 7.06 -1.01 -14.53
C LEU A 56 7.68 0.32 -14.93
N ILE A 57 7.56 1.29 -14.05
CA ILE A 57 8.13 2.60 -14.39
C ILE A 57 9.63 2.43 -14.59
N PRO A 58 10.20 2.96 -15.67
CA PRO A 58 11.60 2.66 -16.01
C PRO A 58 12.61 3.36 -15.13
N THR A 59 12.14 4.13 -14.15
CA THR A 59 13.02 4.68 -13.14
C THR A 59 13.25 3.70 -11.98
N SER A 60 12.61 2.54 -12.04
CA SER A 60 12.72 1.54 -10.99
C SER A 60 14.11 0.94 -10.95
N HIS A 61 14.67 0.81 -9.75
CA HIS A 61 15.99 0.17 -9.69
C HIS A 61 15.87 -1.31 -10.06
N PRO A 62 16.86 -1.87 -10.78
CA PRO A 62 16.77 -3.30 -11.12
C PRO A 62 16.52 -4.22 -9.94
N ILE A 63 17.09 -3.94 -8.76
CA ILE A 63 16.84 -4.84 -7.63
C ILE A 63 15.39 -4.74 -7.17
N ARG A 64 14.80 -3.54 -7.24
CA ARG A 64 13.38 -3.40 -6.94
C ARG A 64 12.51 -4.16 -7.96
N ILE A 65 12.87 -4.08 -9.24
CA ILE A 65 12.14 -4.84 -10.25
C ILE A 65 12.22 -6.33 -9.97
N ALA A 66 13.43 -6.81 -9.69
CA ALA A 66 13.64 -8.24 -9.47
C ALA A 66 12.93 -8.70 -8.21
N ALA A 67 12.90 -7.85 -7.18
CA ALA A 67 12.24 -8.24 -5.94
C ALA A 67 10.74 -8.38 -6.14
N GLU A 68 10.13 -7.47 -6.90
CA GLU A 68 8.71 -7.61 -7.21
C GLU A 68 8.46 -8.92 -7.97
N LEU A 69 9.31 -9.21 -8.96
CA LEU A 69 9.15 -10.43 -9.72
CA LEU A 69 9.18 -10.44 -9.71
C LEU A 69 9.34 -11.65 -8.82
N GLN A 70 10.30 -11.59 -7.90
CA GLN A 70 10.56 -12.74 -7.05
C GLN A 70 9.43 -12.96 -6.07
N CYS A 71 8.79 -11.89 -5.60
CA CYS A 71 7.59 -12.11 -4.77
C CYS A 71 6.55 -12.89 -5.54
N LEU A 72 6.34 -12.52 -6.81
CA LEU A 72 5.30 -13.15 -7.63
C LEU A 72 5.66 -14.59 -7.93
N THR A 73 6.93 -14.87 -8.21
CA THR A 73 7.31 -16.23 -8.59
C THR A 73 7.39 -17.16 -7.38
N VAL A 74 7.79 -16.65 -6.23
CA VAL A 74 8.00 -17.49 -5.05
C VAL A 74 6.74 -17.59 -4.21
N ALA A 75 6.12 -16.46 -3.84
CA ALA A 75 4.90 -16.47 -3.04
C ALA A 75 3.63 -16.55 -3.88
N GLY A 76 3.66 -16.10 -5.13
CA GLY A 76 2.44 -15.95 -5.90
C GLY A 76 2.02 -17.23 -6.56
N GLY A 77 0.84 -17.18 -7.14
CA GLY A 77 0.29 -18.31 -7.86
C GLY A 77 -0.55 -19.26 -7.04
N GLN A 78 -0.80 -18.96 -5.77
CA GLN A 78 -1.69 -19.75 -4.94
C GLN A 78 -2.14 -18.92 -3.75
N ASP A 79 -3.13 -19.45 -3.02
CA ASP A 79 -3.67 -18.79 -1.81
C ASP A 79 -4.02 -17.34 -2.07
N ASN A 80 -4.63 -17.08 -3.23
CA ASN A 80 -5.13 -15.75 -3.61
C ASN A 80 -4.02 -14.72 -3.75
N VAL A 81 -2.80 -15.15 -4.04
CA VAL A 81 -1.71 -14.23 -4.37
C VAL A 81 -1.44 -14.36 -5.85
N MET A 82 -1.47 -13.22 -6.57
CA MET A 82 -1.20 -13.23 -8.01
C MET A 82 0.17 -13.83 -8.30
N GLY A 83 0.23 -14.61 -9.38
CA GLY A 83 1.47 -15.15 -9.89
C GLY A 83 1.89 -14.46 -11.18
N VAL A 84 2.93 -15.02 -11.81
CA VAL A 84 3.45 -14.40 -13.03
C VAL A 84 3.59 -15.49 -14.08
N LYS A 85 3.18 -15.17 -15.30
CA LYS A 85 3.37 -16.11 -16.41
C LYS A 85 4.71 -15.90 -17.08
N TYR A 86 5.04 -14.67 -17.44
CA TYR A 86 6.34 -14.42 -18.03
C TYR A 86 6.72 -12.97 -17.80
N CYS A 87 7.93 -12.61 -18.17
CA CYS A 87 8.42 -11.25 -18.00
C CYS A 87 9.31 -10.92 -19.19
N PHE A 88 9.08 -9.75 -19.77
CA PHE A 88 9.76 -9.28 -20.97
C PHE A 88 10.54 -8.02 -20.65
N ARG A 89 11.79 -7.96 -21.07
CA ARG A 89 12.58 -6.78 -20.79
C ARG A 89 13.27 -6.33 -22.06
N LYS A 90 13.26 -5.02 -22.30
CA LYS A 90 14.20 -4.39 -23.21
C LYS A 90 14.79 -3.20 -22.47
N ASN A 91 16.09 -3.26 -22.17
CA ASN A 91 16.81 -2.18 -21.47
C ASN A 91 16.10 -1.90 -20.16
N ASP A 92 15.64 -0.66 -19.92
CA ASP A 92 15.01 -0.26 -18.67
C ASP A 92 13.51 -0.51 -18.66
N HIS A 93 12.97 -1.12 -19.71
CA HIS A 93 11.53 -1.38 -19.77
C HIS A 93 11.25 -2.85 -19.46
N VAL A 94 10.55 -3.09 -18.36
CA VAL A 94 10.22 -4.44 -17.93
C VAL A 94 8.71 -4.56 -17.91
N VAL A 95 8.19 -5.64 -18.49
CA VAL A 95 6.74 -5.86 -18.55
C VAL A 95 6.47 -7.24 -17.97
N ILE A 96 5.67 -7.28 -16.92
CA ILE A 96 5.30 -8.51 -16.23
C ILE A 96 3.96 -8.98 -16.80
N ALA A 97 3.90 -10.21 -17.32
CA ALA A 97 2.65 -10.74 -17.85
C ALA A 97 2.00 -11.65 -16.81
N MET A 98 0.76 -11.32 -16.43
CA MET A 98 -0.01 -12.04 -15.42
C MET A 98 -1.34 -12.50 -16.01
N PRO A 99 -1.94 -13.55 -15.47
CA PRO A 99 -3.34 -13.83 -15.83
C PRO A 99 -4.22 -12.64 -15.48
N TYR A 100 -5.12 -12.30 -16.39
CA TYR A 100 -6.07 -11.22 -16.15
C TYR A 100 -7.22 -11.75 -15.32
N LEU A 101 -7.47 -11.14 -14.18
CA LEU A 101 -8.66 -11.44 -13.39
C LEU A 101 -9.65 -10.31 -13.55
N GLU A 102 -10.77 -10.59 -14.21
CA GLU A 102 -11.81 -9.57 -14.32
C GLU A 102 -12.33 -9.29 -12.93
N HIS A 103 -12.53 -8.01 -12.60
CA HIS A 103 -12.85 -7.73 -11.19
C HIS A 103 -13.79 -6.55 -11.05
N GLU A 104 -14.39 -6.50 -9.85
CA GLU A 104 -15.30 -5.44 -9.46
C GLU A 104 -14.54 -4.17 -9.14
N SER A 105 -15.23 -3.04 -9.28
CA SER A 105 -14.76 -1.84 -8.64
C SER A 105 -15.25 -1.85 -7.20
N PHE A 106 -14.33 -1.65 -6.25
CA PHE A 106 -14.72 -1.70 -4.84
C PHE A 106 -15.81 -0.69 -4.52
N LEU A 107 -15.67 0.52 -5.06
CA LEU A 107 -16.63 1.57 -4.78
C LEU A 107 -18.01 1.20 -5.31
N ASP A 108 -18.05 0.56 -6.48
CA ASP A 108 -19.31 0.23 -7.15
C ASP A 108 -20.11 -0.80 -6.35
N ILE A 109 -19.43 -1.84 -5.85
CA ILE A 109 -20.13 -2.93 -5.17
C ILE A 109 -20.25 -2.72 -3.67
N LEU A 110 -19.61 -1.69 -3.12
CA LEU A 110 -19.59 -1.50 -1.68
C LEU A 110 -20.98 -1.54 -1.08
N ASN A 111 -21.98 -0.97 -1.76
CA ASN A 111 -23.31 -0.90 -1.16
C ASN A 111 -24.23 -2.05 -1.59
N SER A 112 -23.74 -3.01 -2.37
CA SER A 112 -24.59 -4.13 -2.74
C SER A 112 -24.06 -5.45 -2.23
N LEU A 113 -22.89 -5.49 -1.62
CA LEU A 113 -22.38 -6.77 -1.12
C LEU A 113 -23.29 -7.30 0.00
N SER A 114 -23.55 -8.60 -0.02
CA SER A 114 -24.23 -9.17 1.14
C SER A 114 -23.27 -9.28 2.31
N PHE A 115 -23.82 -9.45 3.51
CA PHE A 115 -22.91 -9.59 4.63
C PHE A 115 -22.09 -10.87 4.50
N GLN A 116 -22.70 -11.95 4.01
CA GLN A 116 -21.91 -13.15 3.81
CA GLN A 116 -21.93 -13.17 3.78
C GLN A 116 -20.80 -12.95 2.79
N GLU A 117 -21.03 -12.11 1.77
CA GLU A 117 -19.97 -11.82 0.82
C GLU A 117 -18.86 -10.99 1.45
N VAL A 118 -19.20 -10.15 2.43
CA VAL A 118 -18.16 -9.46 3.19
C VAL A 118 -17.33 -10.46 4.00
N ARG A 119 -17.99 -11.43 4.64
CA ARG A 119 -17.22 -12.48 5.33
C ARG A 119 -16.28 -13.21 4.39
N GLU A 120 -16.77 -13.61 3.21
CA GLU A 120 -15.94 -14.35 2.26
C GLU A 120 -14.78 -13.49 1.77
N TYR A 121 -15.03 -12.21 1.52
CA TYR A 121 -13.97 -11.32 1.05
C TYR A 121 -12.87 -11.22 2.09
N MET A 122 -13.24 -11.01 3.35
CA MET A 122 -12.21 -10.88 4.38
C MET A 122 -11.46 -12.19 4.56
N LEU A 123 -12.18 -13.33 4.56
CA LEU A 123 -11.50 -14.61 4.71
C LEU A 123 -10.43 -14.78 3.64
N ASN A 124 -10.78 -14.45 2.40
CA ASN A 124 -9.86 -14.68 1.31
C ASN A 124 -8.73 -13.66 1.29
N LEU A 125 -8.98 -12.44 1.79
CA LEU A 125 -7.88 -11.52 1.99
C LEU A 125 -6.88 -12.07 3.01
N PHE A 126 -7.37 -12.62 4.13
CA PHE A 126 -6.45 -13.15 5.12
C PHE A 126 -5.70 -14.36 4.60
N LYS A 127 -6.30 -15.16 3.72
CA LYS A 127 -5.55 -16.27 3.10
C LYS A 127 -4.33 -15.72 2.35
N ALA A 128 -4.54 -14.67 1.56
CA ALA A 128 -3.44 -14.04 0.82
C ALA A 128 -2.40 -13.45 1.77
N LEU A 129 -2.84 -12.76 2.83
CA LEU A 129 -1.87 -12.16 3.73
C LEU A 129 -1.12 -13.22 4.53
N LYS A 130 -1.80 -14.30 4.92
CA LYS A 130 -1.11 -15.39 5.58
C LYS A 130 -0.01 -15.94 4.69
N ARG A 131 -0.31 -16.08 3.40
CA ARG A 131 0.69 -16.58 2.45
C ARG A 131 1.89 -15.64 2.34
N ILE A 132 1.67 -14.35 2.13
CA ILE A 132 2.87 -13.54 1.92
C ILE A 132 3.62 -13.35 3.22
N HIS A 133 2.91 -13.30 4.36
CA HIS A 133 3.59 -13.08 5.60
C HIS A 133 4.43 -14.28 5.98
N GLN A 134 4.04 -15.49 5.53
CA GLN A 134 4.86 -16.67 5.76
C GLN A 134 6.23 -16.54 5.11
N PHE A 135 6.32 -15.79 4.03
CA PHE A 135 7.58 -15.57 3.35
C PHE A 135 8.29 -14.32 3.85
N GLY A 136 7.76 -13.65 4.87
CA GLY A 136 8.41 -12.46 5.37
C GLY A 136 8.29 -11.27 4.44
N ILE A 137 7.18 -11.16 3.71
CA ILE A 137 6.91 -10.03 2.82
C ILE A 137 6.00 -9.08 3.56
N VAL A 138 6.41 -7.83 3.69
CA VAL A 138 5.53 -6.76 4.16
C VAL A 138 5.06 -6.05 2.90
N HIS A 139 3.77 -6.18 2.59
CA HIS A 139 3.30 -5.68 1.29
C HIS A 139 3.35 -4.16 1.24
N ARG A 140 2.94 -3.51 2.34
CA ARG A 140 2.91 -2.09 2.59
C ARG A 140 1.75 -1.37 1.93
N ASP A 141 1.04 -1.96 0.97
CA ASP A 141 0.03 -1.22 0.22
C ASP A 141 -1.22 -2.07 0.04
N VAL A 142 -1.64 -2.70 1.15
CA VAL A 142 -2.89 -3.42 1.13
C VAL A 142 -4.01 -2.39 1.09
N LYS A 143 -4.85 -2.47 0.05
CA LYS A 143 -5.99 -1.59 -0.18
C LYS A 143 -6.81 -2.24 -1.29
N PRO A 144 -8.05 -1.81 -1.50
CA PRO A 144 -8.89 -2.55 -2.45
C PRO A 144 -8.34 -2.58 -3.85
N SER A 145 -7.68 -1.52 -4.34
CA SER A 145 -7.18 -1.62 -5.71
C SER A 145 -6.02 -2.58 -5.85
N ASN A 146 -5.44 -3.07 -4.76
CA ASN A 146 -4.42 -4.11 -4.82
C ASN A 146 -4.95 -5.47 -4.41
N PHE A 147 -6.25 -5.62 -4.25
CA PHE A 147 -6.84 -6.93 -3.97
C PHE A 147 -8.03 -7.12 -4.91
N LEU A 148 -7.79 -7.81 -6.04
CA LEU A 148 -8.80 -7.95 -7.08
C LEU A 148 -9.85 -8.97 -6.65
N TYR A 149 -11.10 -8.63 -6.90
CA TYR A 149 -12.24 -9.44 -6.46
C TYR A 149 -13.18 -9.64 -7.63
N ASN A 150 -13.46 -10.89 -7.95
CA ASN A 150 -14.48 -11.22 -8.95
C ASN A 150 -15.63 -11.84 -8.18
N ARG A 151 -16.71 -11.07 -8.04
CA ARG A 151 -17.85 -11.50 -7.24
C ARG A 151 -18.52 -12.74 -7.82
N ARG A 152 -18.69 -12.79 -9.14
CA ARG A 152 -19.40 -13.93 -9.74
C ARG A 152 -18.60 -15.21 -9.64
N LEU A 153 -17.30 -15.16 -9.88
CA LEU A 153 -16.48 -16.35 -9.84
C LEU A 153 -15.95 -16.64 -8.43
N LYS A 154 -16.17 -15.73 -7.48
CA LYS A 154 -15.57 -15.82 -6.16
C LYS A 154 -14.08 -16.11 -6.26
N LYS A 155 -13.39 -15.28 -7.03
CA LYS A 155 -11.95 -15.34 -7.16
C LYS A 155 -11.32 -14.06 -6.65
N TYR A 156 -10.13 -14.19 -6.08
CA TYR A 156 -9.45 -13.10 -5.39
C TYR A 156 -7.97 -13.13 -5.75
N ALA A 157 -7.36 -11.95 -5.82
CA ALA A 157 -5.92 -11.92 -6.06
C ALA A 157 -5.29 -10.69 -5.43
N LEU A 158 -4.40 -10.91 -4.47
CA LEU A 158 -3.52 -9.85 -4.01
C LEU A 158 -2.46 -9.59 -5.08
N VAL A 159 -2.33 -8.32 -5.47
CA VAL A 159 -1.41 -7.90 -6.52
C VAL A 159 -0.50 -6.79 -5.99
N ASP A 160 0.53 -6.51 -6.80
CA ASP A 160 1.36 -5.32 -6.69
C ASP A 160 2.34 -5.36 -5.54
N PHE A 161 3.47 -6.01 -5.79
CA PHE A 161 4.58 -6.07 -4.85
C PHE A 161 5.61 -4.97 -5.07
N GLY A 162 5.23 -3.86 -5.70
CA GLY A 162 6.17 -2.79 -6.05
C GLY A 162 6.67 -1.97 -4.86
N LEU A 163 6.00 -2.04 -3.72
CA LEU A 163 6.38 -1.30 -2.53
C LEU A 163 6.86 -2.23 -1.41
N ALA A 164 6.88 -3.54 -1.64
CA ALA A 164 7.07 -4.50 -0.58
C ALA A 164 8.45 -4.39 0.04
N GLN A 165 8.53 -4.76 1.32
CA GLN A 165 9.82 -4.82 2.01
C GLN A 165 9.90 -6.17 2.70
N GLY A 166 11.11 -6.56 3.09
CA GLY A 166 11.31 -7.82 3.77
C GLY A 166 11.38 -7.66 5.28
N THR A 167 10.87 -8.67 5.97
CA THR A 167 11.18 -8.78 7.40
C THR A 167 12.63 -9.20 7.58
N HIS A 168 13.14 -9.11 8.82
CA HIS A 168 14.50 -9.59 9.07
C HIS A 168 14.63 -11.07 8.71
N ASP A 169 13.52 -11.81 8.78
CA ASP A 169 13.37 -13.24 8.52
C ASP A 169 13.12 -13.61 7.06
N THR A 170 13.09 -12.66 6.14
CA THR A 170 12.36 -12.89 4.89
C THR A 170 12.94 -14.05 4.11
N LYS A 171 12.06 -14.77 3.42
CA LYS A 171 12.43 -15.85 2.50
C LYS A 171 12.50 -15.40 1.05
N ILE A 172 12.34 -14.11 0.78
CA ILE A 172 12.51 -13.55 -0.56
C ILE A 172 13.90 -12.95 -0.57
N GLU A 173 14.83 -13.62 -1.25
CA GLU A 173 16.24 -13.26 -1.19
C GLU A 173 16.44 -11.77 -1.49
N LEU A 174 15.86 -11.29 -2.58
CA LEU A 174 16.08 -9.91 -2.98
C LEU A 174 15.45 -8.90 -2.02
N LEU A 175 14.49 -9.32 -1.19
CA LEU A 175 13.99 -8.36 -0.22
C LEU A 175 14.97 -8.14 0.93
N LYS A 176 16.02 -8.93 1.05
CA LYS A 176 17.08 -8.57 1.99
C LYS A 176 17.76 -7.26 1.57
N PHE A 177 17.65 -6.88 0.31
CA PHE A 177 18.16 -5.59 -0.13
C PHE A 177 17.15 -4.46 0.05
N VAL A 178 15.90 -4.77 0.42
CA VAL A 178 14.91 -3.75 0.72
C VAL A 178 14.23 -4.11 2.04
N GLN A 179 14.98 -4.00 3.13
CA GLN A 179 14.47 -4.32 4.44
C GLN A 179 13.58 -3.21 4.98
N SER A 180 12.56 -3.61 5.76
CA SER A 180 11.68 -2.60 6.35
C SER A 180 12.36 -1.83 7.48
N GLU A 181 13.45 -2.36 8.03
CA GLU A 181 14.16 -1.66 9.10
C GLU A 181 14.91 -0.48 8.52
N ALA A 182 14.61 0.73 8.99
CA ALA A 182 15.23 1.94 8.47
C ALA A 182 16.69 2.07 8.94
N GLN A 183 17.48 2.77 8.14
CA GLN A 183 18.85 3.16 8.49
C GLN A 183 18.89 4.67 8.68
N GLN A 184 19.34 5.11 9.85
CA GLN A 184 19.25 6.52 10.19
C GLN A 184 20.29 7.36 9.43
N GLU A 185 20.09 8.68 9.48
CA GLU A 185 20.86 9.63 8.67
C GLU A 185 22.34 9.61 9.05
N ARG A 186 23.19 9.79 8.04
CA ARG A 186 24.66 9.74 8.14
C ARG A 186 25.12 8.41 8.73
N PRO A 192 24.15 17.68 18.99
CA PRO A 192 23.37 18.46 19.97
C PRO A 192 24.17 18.81 21.22
N ALA A 193 24.04 20.05 21.70
CA ALA A 193 24.68 20.42 22.95
C ALA A 193 23.93 19.86 24.16
N SER A 194 22.61 19.75 24.07
CA SER A 194 21.82 19.09 25.09
C SER A 194 20.95 18.03 24.42
N LEU A 195 21.03 16.80 24.90
CA LEU A 195 20.17 15.74 24.37
C LEU A 195 18.70 16.07 24.64
N THR A 196 18.36 16.34 25.88
CA THR A 196 16.99 16.51 26.29
C THR A 196 16.62 17.99 26.39
N CYS A 197 15.33 18.27 26.39
CA CYS A 197 14.84 19.61 26.71
C CYS A 197 13.54 19.46 27.49
N ASP A 198 13.12 20.57 28.09
CA ASP A 198 11.89 20.61 28.89
C ASP A 198 10.61 20.65 28.06
N CYS A 199 10.67 20.64 26.73
CA CYS A 199 9.44 20.63 25.93
C CYS A 199 8.78 19.28 25.89
N TYR A 200 9.51 18.21 26.25
CA TYR A 200 9.00 16.86 26.14
C TYR A 200 7.61 16.71 26.73
N ALA A 201 6.70 16.18 25.91
CA ALA A 201 5.32 15.87 26.29
C ALA A 201 4.55 17.13 26.70
N THR A 202 4.94 18.28 26.17
CA THR A 202 4.21 19.53 26.37
C THR A 202 3.96 20.19 25.01
N ASP A 203 3.20 21.30 25.05
CA ASP A 203 2.94 22.06 23.84
C ASP A 203 4.09 22.99 23.48
N LYS A 204 5.24 22.85 24.12
CA LYS A 204 6.33 23.79 23.92
C LYS A 204 7.25 23.38 22.77
N VAL A 205 7.91 24.39 22.19
CA VAL A 205 9.03 24.16 21.29
C VAL A 205 10.18 25.01 21.79
N CYS A 206 11.39 24.61 21.41
CA CYS A 206 12.55 25.39 21.81
C CYS A 206 13.66 25.13 20.82
N SER A 207 14.76 25.88 20.96
CA SER A 207 15.82 25.75 19.97
C SER A 207 16.49 24.39 20.00
N ILE A 208 16.46 23.69 21.15
CA ILE A 208 17.09 22.37 21.24
C ILE A 208 16.33 21.35 20.41
N CYS A 209 15.02 21.18 20.70
CA CYS A 209 14.30 20.11 19.99
C CYS A 209 14.09 20.46 18.52
N LEU A 210 13.96 21.75 18.20
CA LEU A 210 13.70 22.10 16.81
C LEU A 210 14.93 21.85 15.94
N SER A 211 16.10 21.88 16.52
CA SER A 211 17.32 21.79 15.71
C SER A 211 17.87 20.35 15.59
N ARG A 212 17.14 19.37 16.10
CA ARG A 212 17.59 17.98 16.02
C ARG A 212 17.42 17.44 14.61
N ARG A 213 18.19 16.41 14.27
CA ARG A 213 18.00 15.81 12.96
C ARG A 213 16.67 15.07 12.90
N GLN A 214 16.25 14.75 11.68
CA GLN A 214 14.98 14.08 11.46
C GLN A 214 15.15 12.57 11.50
N GLN A 215 14.16 11.90 12.08
CA GLN A 215 14.19 10.44 12.06
C GLN A 215 13.79 9.94 10.68
N VAL A 216 14.41 8.85 10.23
CA VAL A 216 14.04 8.22 8.97
C VAL A 216 13.27 6.94 9.27
N ALA A 217 12.15 6.77 8.59
CA ALA A 217 11.41 5.52 8.74
C ALA A 217 10.66 5.28 7.45
N PRO A 218 10.42 4.02 7.11
CA PRO A 218 9.70 3.74 5.85
C PRO A 218 8.25 4.18 5.93
N ARG A 219 7.73 4.61 4.79
CA ARG A 219 6.32 4.97 4.74
C ARG A 219 5.69 4.73 3.38
N ALA A 220 6.35 4.00 2.48
CA ALA A 220 5.74 3.74 1.17
C ALA A 220 4.38 3.11 1.36
N GLY A 221 3.42 3.54 0.56
CA GLY A 221 2.04 3.12 0.75
C GLY A 221 1.11 4.16 0.20
N THR A 222 -0.14 4.13 0.70
CA THR A 222 -1.20 4.98 0.19
C THR A 222 -1.85 5.72 1.35
N PRO A 223 -2.15 7.00 1.18
CA PRO A 223 -2.80 7.75 2.26
C PRO A 223 -4.13 7.10 2.65
N GLY A 224 -4.32 6.98 3.96
CA GLY A 224 -5.56 6.45 4.52
C GLY A 224 -5.46 5.00 4.96
N PHE A 225 -4.40 4.29 4.56
CA PHE A 225 -4.25 2.88 4.90
C PHE A 225 -3.03 2.61 5.77
N ARG A 226 -2.29 3.64 6.20
CA ARG A 226 -1.09 3.45 7.00
C ARG A 226 -1.39 3.27 8.49
N ALA A 227 -0.78 2.25 9.08
CA ALA A 227 -0.89 1.97 10.50
C ALA A 227 -0.28 3.10 11.33
N PRO A 228 -0.70 3.25 12.58
CA PRO A 228 -0.15 4.36 13.40
C PRO A 228 1.35 4.30 13.58
N GLU A 229 1.94 3.11 13.67
CA GLU A 229 3.39 3.05 13.81
C GLU A 229 4.09 3.54 12.53
N VAL A 230 3.44 3.47 11.37
CA VAL A 230 4.02 4.07 10.18
C VAL A 230 3.92 5.58 10.28
N LEU A 231 2.74 6.08 10.65
CA LEU A 231 2.50 7.52 10.72
C LEU A 231 3.41 8.21 11.72
N THR A 232 3.81 7.50 12.77
CA THR A 232 4.64 8.10 13.80
C THR A 232 6.13 7.78 13.62
N LYS A 233 6.51 7.21 12.48
CA LYS A 233 7.92 7.01 12.08
C LYS A 233 8.62 5.97 12.94
N CYS A 234 7.95 4.86 13.21
CA CYS A 234 8.62 3.73 13.82
CA CYS A 234 8.63 3.73 13.81
C CYS A 234 9.60 3.13 12.83
N PRO A 235 10.89 3.04 13.15
CA PRO A 235 11.84 2.53 12.17
C PRO A 235 11.81 1.02 12.01
N ASN A 236 11.12 0.30 12.88
CA ASN A 236 11.08 -1.16 12.90
C ASN A 236 9.64 -1.62 12.69
N GLN A 237 9.20 -1.64 11.45
CA GLN A 237 7.85 -2.04 11.13
C GLN A 237 7.81 -3.49 10.73
N THR A 238 6.64 -4.12 10.88
CA THR A 238 6.47 -5.55 10.69
C THR A 238 5.28 -5.82 9.77
N THR A 239 4.97 -7.10 9.58
CA THR A 239 3.80 -7.47 8.81
C THR A 239 2.51 -6.98 9.46
N ALA A 240 2.57 -6.56 10.72
CA ALA A 240 1.38 -5.98 11.35
C ALA A 240 0.85 -4.77 10.59
N ILE A 241 1.69 -4.06 9.83
CA ILE A 241 1.14 -2.88 9.15
C ILE A 241 0.13 -3.32 8.09
N ASP A 242 0.33 -4.51 7.51
CA ASP A 242 -0.59 -5.02 6.52
C ASP A 242 -1.90 -5.41 7.18
N MET A 243 -1.86 -5.89 8.41
CA MET A 243 -3.10 -6.26 9.08
C MET A 243 -3.92 -5.02 9.45
N TRP A 244 -3.24 -3.92 9.83
CA TRP A 244 -3.94 -2.66 10.00
C TRP A 244 -4.67 -2.26 8.71
N SER A 245 -3.95 -2.31 7.58
CA SER A 245 -4.57 -1.96 6.31
C SER A 245 -5.78 -2.83 6.04
N ALA A 246 -5.68 -4.13 6.33
CA ALA A 246 -6.83 -5.01 6.13
C ALA A 246 -7.98 -4.59 7.04
N GLY A 247 -7.67 -4.14 8.25
CA GLY A 247 -8.68 -3.56 9.11
C GLY A 247 -9.38 -2.36 8.48
N VAL A 248 -8.61 -1.51 7.78
CA VAL A 248 -9.23 -0.35 7.15
C VAL A 248 -10.16 -0.79 6.03
N ILE A 249 -9.77 -1.81 5.24
CA ILE A 249 -10.71 -2.33 4.25
C ILE A 249 -11.99 -2.81 4.94
N PHE A 250 -11.83 -3.57 6.03
CA PHE A 250 -13.01 -4.10 6.73
C PHE A 250 -13.88 -2.96 7.26
N LEU A 251 -13.24 -1.91 7.76
CA LEU A 251 -13.97 -0.76 8.24
C LEU A 251 -14.77 -0.12 7.11
N SER A 252 -14.21 -0.04 5.90
CA SER A 252 -15.00 0.46 4.77
C SER A 252 -16.18 -0.45 4.49
N LEU A 253 -15.94 -1.77 4.51
CA LEU A 253 -17.04 -2.70 4.23
C LEU A 253 -18.16 -2.57 5.25
N LEU A 254 -17.82 -2.45 6.54
CA LEU A 254 -18.85 -2.40 7.57
C LEU A 254 -19.55 -1.06 7.67
N SER A 255 -18.86 0.03 7.30
CA SER A 255 -19.43 1.37 7.37
C SER A 255 -20.00 1.83 6.05
N GLY A 256 -19.70 1.14 4.94
CA GLY A 256 -20.13 1.62 3.63
C GLY A 256 -19.39 2.84 3.11
N ARG A 257 -18.30 3.25 3.75
CA ARG A 257 -17.61 4.50 3.40
C ARG A 257 -16.25 4.15 2.80
N TYR A 258 -15.96 4.72 1.63
CA TYR A 258 -14.68 4.43 1.00
C TYR A 258 -14.34 5.60 0.10
N PRO A 259 -13.16 6.19 0.25
CA PRO A 259 -12.15 5.90 1.26
C PRO A 259 -12.68 6.31 2.60
N PHE A 260 -12.29 5.58 3.63
CA PHE A 260 -12.79 5.93 4.95
C PHE A 260 -12.06 7.14 5.49
N TYR A 261 -10.75 7.10 5.45
CA TYR A 261 -9.98 8.23 5.89
C TYR A 261 -9.65 9.08 4.68
N LYS A 262 -9.47 10.36 4.91
CA LYS A 262 -9.19 11.24 3.79
C LYS A 262 -8.27 12.31 4.35
N ALA A 263 -6.97 12.13 4.14
CA ALA A 263 -6.02 13.02 4.75
C ALA A 263 -4.85 13.24 3.81
N SER A 264 -4.36 14.48 3.77
CA SER A 264 -3.29 14.82 2.86
C SER A 264 -1.92 14.81 3.52
N ASP A 265 -1.82 14.33 4.77
CA ASP A 265 -0.50 14.13 5.35
C ASP A 265 -0.62 13.17 6.53
N ASP A 266 0.54 12.66 6.97
CA ASP A 266 0.54 11.56 7.94
C ASP A 266 -0.08 11.97 9.27
N LEU A 267 0.20 13.17 9.78
CA LEU A 267 -0.39 13.46 11.08
C LEU A 267 -1.88 13.78 10.98
N THR A 268 -2.36 14.30 9.85
CA THR A 268 -3.81 14.40 9.70
C THR A 268 -4.44 13.00 9.70
N ALA A 269 -3.80 12.05 9.01
CA ALA A 269 -4.27 10.67 9.08
C ALA A 269 -4.27 10.16 10.52
N LEU A 270 -3.22 10.48 11.28
CA LEU A 270 -3.18 10.03 12.68
C LEU A 270 -4.28 10.68 13.49
N ALA A 271 -4.53 11.97 13.26
CA ALA A 271 -5.61 12.66 13.96
C ALA A 271 -6.96 12.03 13.66
N GLN A 272 -7.17 11.58 12.42
CA GLN A 272 -8.43 10.90 12.09
C GLN A 272 -8.51 9.55 12.79
N ILE A 273 -7.39 8.81 12.84
CA ILE A 273 -7.38 7.55 13.58
C ILE A 273 -7.69 7.76 15.06
N MET A 274 -7.12 8.82 15.66
CA MET A 274 -7.41 9.11 17.06
C MET A 274 -8.88 9.47 17.25
N THR A 275 -9.48 10.09 16.26
CA THR A 275 -10.90 10.44 16.38
C THR A 275 -11.79 9.20 16.32
N ILE A 276 -11.33 8.15 15.66
CA ILE A 276 -12.06 6.87 15.63
C ILE A 276 -11.71 6.01 16.82
N ARG A 277 -10.42 5.84 17.11
CA ARG A 277 -9.97 4.84 18.09
C ARG A 277 -9.66 5.45 19.43
N GLY A 278 -9.71 6.76 19.55
CA GLY A 278 -9.46 7.42 20.82
C GLY A 278 -8.06 7.93 20.98
N SER A 279 -7.93 9.14 21.53
CA SER A 279 -6.61 9.72 21.69
C SER A 279 -5.84 9.08 22.82
N ARG A 280 -6.46 8.85 23.99
CA ARG A 280 -5.70 8.22 25.07
C ARG A 280 -5.26 6.82 24.67
N GLU A 281 -6.12 6.09 23.95
CA GLU A 281 -5.77 4.74 23.51
C GLU A 281 -4.59 4.78 22.53
N THR A 282 -4.58 5.76 21.65
CA THR A 282 -3.49 5.85 20.67
C THR A 282 -2.18 6.26 21.34
N ILE A 283 -2.28 7.22 22.27
CA ILE A 283 -1.11 7.67 23.01
C ILE A 283 -0.51 6.53 23.81
N GLN A 284 -1.36 5.75 24.49
CA GLN A 284 -0.88 4.63 25.29
C GLN A 284 -0.15 3.60 24.42
N ALA A 285 -0.75 3.23 23.29
CA ALA A 285 -0.11 2.26 22.40
C ALA A 285 1.21 2.79 21.87
N ALA A 286 1.24 4.07 21.51
CA ALA A 286 2.44 4.60 20.88
C ALA A 286 3.61 4.60 21.85
N LYS A 287 3.33 4.76 23.15
CA LYS A 287 4.41 4.70 24.13
C LYS A 287 5.09 3.37 24.11
N THR A 288 4.36 2.30 23.76
CA THR A 288 4.97 0.97 23.76
C THR A 288 5.96 0.80 22.61
N PHE A 289 5.88 1.62 21.56
CA PHE A 289 6.87 1.53 20.50
C PHE A 289 7.69 2.82 20.42
N GLY A 290 7.80 3.50 21.55
CA GLY A 290 8.79 4.54 21.69
C GLY A 290 8.40 5.91 21.19
N LYS A 291 7.11 6.18 21.00
CA LYS A 291 6.67 7.48 20.51
C LYS A 291 5.77 8.16 21.52
N SER A 292 6.09 9.41 21.81
CA SER A 292 5.23 10.29 22.62
C SER A 292 4.30 11.08 21.70
N ILE A 293 3.00 10.89 21.82
CA ILE A 293 2.02 11.65 21.07
C ILE A 293 1.33 12.59 22.02
N LEU A 294 1.17 13.86 21.63
CA LEU A 294 0.40 14.82 22.40
C LEU A 294 -0.65 15.43 21.48
N CYS A 295 -1.92 15.41 21.90
CA CYS A 295 -2.98 16.09 21.18
C CYS A 295 -3.53 17.20 22.07
N SER A 296 -3.95 18.29 21.46
CA SER A 296 -4.40 19.44 22.25
C SER A 296 -5.81 19.24 22.79
N LYS A 297 -6.50 18.21 22.33
CA LYS A 297 -7.83 17.89 22.84
C LYS A 297 -7.93 16.39 22.97
N GLU A 298 -8.53 15.94 24.06
CA GLU A 298 -8.77 14.51 24.24
C GLU A 298 -10.06 14.13 23.52
N VAL A 299 -10.03 13.02 22.77
CA VAL A 299 -11.23 12.52 22.11
C VAL A 299 -11.41 11.05 22.46
N PRO A 300 -12.62 10.62 22.80
CA PRO A 300 -12.84 9.24 23.24
C PRO A 300 -12.89 8.29 22.07
N ALA A 301 -12.64 7.04 22.36
CA ALA A 301 -12.81 6.00 21.36
C ALA A 301 -14.27 5.88 20.98
N GLN A 302 -14.52 5.60 19.71
CA GLN A 302 -15.87 5.35 19.25
C GLN A 302 -16.19 3.86 19.42
N ASP A 303 -17.44 3.56 19.77
CA ASP A 303 -17.86 2.18 19.69
C ASP A 303 -17.98 1.80 18.22
N LEU A 304 -17.29 0.74 17.81
CA LEU A 304 -17.22 0.41 16.39
C LEU A 304 -18.57 0.02 15.81
N ARG A 305 -19.38 -0.71 16.57
CA ARG A 305 -20.71 -1.06 16.04
C ARG A 305 -21.55 0.18 15.80
N LYS A 306 -21.65 1.06 16.80
CA LYS A 306 -22.47 2.25 16.63
C LYS A 306 -21.96 3.09 15.47
N LEU A 307 -20.63 3.27 15.37
CA LEU A 307 -20.04 4.04 14.28
C LEU A 307 -20.41 3.45 12.92
N CYS A 308 -20.14 2.15 12.74
CA CYS A 308 -20.32 1.58 11.40
C CYS A 308 -21.80 1.57 11.01
N GLU A 309 -22.66 1.23 11.96
CA GLU A 309 -24.08 1.14 11.66
C GLU A 309 -24.68 2.51 11.41
N ARG A 310 -24.20 3.54 12.12
CA ARG A 310 -24.69 4.88 11.83
C ARG A 310 -24.20 5.41 10.48
N LEU A 311 -22.98 5.03 10.08
CA LEU A 311 -22.48 5.49 8.78
C LEU A 311 -23.06 4.69 7.62
N ARG A 312 -23.34 3.40 7.83
CA ARG A 312 -23.86 2.58 6.73
C ARG A 312 -25.35 2.71 6.56
N GLY A 313 -26.06 2.97 7.65
CA GLY A 313 -27.51 3.09 7.60
C GLY A 313 -28.19 1.73 7.69
N ALA A 314 -29.51 1.77 7.53
CA ALA A 314 -30.37 0.64 7.89
C ALA A 314 -29.94 -0.65 7.19
N GLY A 315 -29.81 -1.72 7.96
CA GLY A 315 -29.37 -3.00 7.44
C GLY A 315 -30.52 -3.92 7.10
N ALA A 316 -30.45 -4.50 5.90
CA ALA A 316 -31.37 -5.53 5.44
C ALA A 316 -30.68 -6.89 5.40
N GLY A 317 -31.45 -7.95 5.65
CA GLY A 317 -30.92 -9.31 5.56
C GLY A 317 -29.79 -9.55 6.55
N GLY A 318 -28.62 -9.94 6.03
CA GLY A 318 -27.47 -10.13 6.91
C GLY A 318 -27.03 -8.85 7.59
N TRP A 319 -27.30 -7.70 6.99
CA TRP A 319 -26.87 -6.43 7.55
C TRP A 319 -27.72 -6.00 8.73
N ASN A 320 -28.88 -6.60 8.90
CA ASN A 320 -29.79 -6.29 10.00
C ASN A 320 -29.30 -6.85 11.32
N GLU A 321 -28.46 -7.89 11.29
CA GLU A 321 -28.01 -8.56 12.50
C GLU A 321 -26.52 -8.90 12.35
N VAL A 322 -25.71 -7.86 12.13
CA VAL A 322 -24.27 -8.10 12.11
C VAL A 322 -23.82 -8.65 13.45
N PRO A 323 -23.08 -9.74 13.49
CA PRO A 323 -22.73 -10.35 14.78
C PRO A 323 -21.64 -9.57 15.50
N ASP A 324 -21.66 -9.69 16.83
CA ASP A 324 -20.62 -9.04 17.62
C ASP A 324 -19.24 -9.44 17.15
N GLU A 325 -19.10 -10.69 16.68
CA GLU A 325 -17.79 -11.17 16.24
C GLU A 325 -17.19 -10.29 15.15
N ALA A 326 -18.02 -9.67 14.31
CA ALA A 326 -17.47 -8.84 13.25
C ALA A 326 -16.73 -7.63 13.82
N TYR A 327 -17.39 -6.93 14.75
CA TYR A 327 -16.77 -5.75 15.32
C TYR A 327 -15.63 -6.12 16.25
N ASP A 328 -15.68 -7.33 16.83
CA ASP A 328 -14.56 -7.79 17.63
C ASP A 328 -13.33 -8.01 16.75
N LEU A 329 -13.52 -8.66 15.60
CA LEU A 329 -12.40 -8.83 14.68
C LEU A 329 -11.89 -7.48 14.20
N LEU A 330 -12.81 -6.53 13.93
CA LEU A 330 -12.38 -5.20 13.49
C LEU A 330 -11.51 -4.53 14.54
N ASP A 331 -11.89 -4.69 15.82
CA ASP A 331 -11.14 -4.10 16.92
C ASP A 331 -9.74 -4.67 16.99
N LYS A 332 -9.58 -5.96 16.66
CA LYS A 332 -8.29 -6.61 16.73
C LYS A 332 -7.39 -6.22 15.56
N LEU A 333 -8.00 -6.03 14.37
CA LEU A 333 -7.26 -5.56 13.21
C LEU A 333 -6.83 -4.11 13.37
N LEU A 334 -7.69 -3.29 13.94
CA LEU A 334 -7.36 -1.89 14.19
C LEU A 334 -6.79 -1.70 15.58
N ASP A 335 -6.10 -2.72 16.08
CA ASP A 335 -5.37 -2.60 17.32
C ASP A 335 -4.26 -1.58 17.14
N LEU A 336 -4.29 -0.55 18.00
CA LEU A 336 -3.30 0.52 17.90
C LEU A 336 -1.91 0.04 18.26
N ASN A 337 -1.80 -1.09 18.93
CA ASN A 337 -0.52 -1.63 19.33
C ASN A 337 -0.08 -2.70 18.33
N PRO A 338 0.98 -2.49 17.56
CA PRO A 338 1.30 -3.49 16.53
C PRO A 338 1.78 -4.80 17.10
N ALA A 339 2.25 -4.83 18.34
CA ALA A 339 2.66 -6.10 18.95
C ALA A 339 1.45 -6.98 19.26
N SER A 340 0.34 -6.38 19.68
CA SER A 340 -0.81 -7.22 20.01
C SER A 340 -1.77 -7.39 18.85
N ARG A 341 -1.67 -6.56 17.80
CA ARG A 341 -2.55 -6.67 16.65
C ARG A 341 -2.59 -8.08 16.10
N ILE A 342 -3.79 -8.49 15.67
CA ILE A 342 -4.00 -9.86 15.22
C ILE A 342 -3.16 -10.13 13.98
N THR A 343 -2.70 -11.37 13.84
CA THR A 343 -1.96 -11.78 12.64
C THR A 343 -2.92 -12.44 11.65
N ALA A 344 -2.47 -12.59 10.40
CA ALA A 344 -3.35 -13.19 9.41
C ALA A 344 -3.68 -14.62 9.78
N GLU A 345 -2.69 -15.35 10.28
CA GLU A 345 -2.91 -16.73 10.72
C GLU A 345 -3.98 -16.80 11.80
N GLU A 346 -3.90 -15.89 12.78
CA GLU A 346 -4.89 -15.84 13.84
C GLU A 346 -6.23 -15.41 13.31
N ALA A 347 -6.24 -14.47 12.36
CA ALA A 347 -7.50 -13.95 11.87
C ALA A 347 -8.32 -15.06 11.22
N LEU A 348 -7.65 -15.98 10.54
CA LEU A 348 -8.39 -17.09 9.93
C LEU A 348 -9.06 -17.98 10.96
N LEU A 349 -8.62 -17.94 12.22
CA LEU A 349 -9.19 -18.75 13.28
C LEU A 349 -10.24 -18.00 14.09
N HIS A 350 -10.50 -16.74 13.74
CA HIS A 350 -11.40 -15.92 14.54
C HIS A 350 -12.84 -16.41 14.38
N PRO A 351 -13.65 -16.31 15.44
CA PRO A 351 -15.04 -16.80 15.39
C PRO A 351 -15.91 -16.13 14.34
N PHE A 352 -15.52 -14.94 13.87
CA PHE A 352 -16.24 -14.32 12.77
C PHE A 352 -16.38 -15.26 11.60
N PHE A 353 -15.43 -16.18 11.44
CA PHE A 353 -15.42 -17.08 10.29
C PHE A 353 -15.98 -18.45 10.61
N LYS A 354 -16.83 -18.54 11.62
CA LYS A 354 -17.49 -19.78 11.97
C LYS A 354 -18.18 -20.40 10.76
N ASP A 355 -18.03 -21.73 10.62
CA ASP A 355 -18.71 -22.52 9.60
C ASP A 355 -18.22 -22.22 8.20
N MET A 356 -17.05 -21.59 8.04
CA MET A 356 -16.49 -21.40 6.72
C MET A 356 -15.30 -22.31 6.49
N SER A 357 -14.97 -22.45 5.20
CA SER A 357 -13.78 -23.14 4.68
C SER A 357 -12.53 -23.05 5.54
N GLY B 1 8.75 33.33 20.64
CA GLY B 1 8.21 33.11 19.32
C GLY B 1 9.28 32.77 18.30
N PRO B 2 9.01 33.08 17.05
CA PRO B 2 9.91 32.65 15.97
C PRO B 2 11.35 33.12 16.11
N GLY B 3 11.59 34.30 16.69
CA GLY B 3 12.97 34.81 16.73
C GLY B 3 13.88 33.97 17.62
N THR B 4 13.39 33.65 18.81
CA THR B 4 14.14 32.79 19.72
C THR B 4 13.84 31.32 19.52
N ARG B 5 12.92 30.97 18.64
CA ARG B 5 12.52 29.59 18.37
C ARG B 5 11.95 28.93 19.61
N THR B 6 11.46 29.73 20.55
CA THR B 6 10.98 29.18 21.82
C THR B 6 9.57 29.69 22.06
N GLY B 7 8.67 28.79 22.42
CA GLY B 7 7.31 29.23 22.73
C GLY B 7 6.43 28.02 22.77
N ARG B 8 5.16 28.23 22.50
CA ARG B 8 4.14 27.19 22.61
C ARG B 8 3.35 27.12 21.31
N LEU B 9 2.93 25.91 20.97
CA LEU B 9 2.19 25.70 19.72
C LEU B 9 0.80 26.29 19.79
N LYS B 10 0.42 27.07 18.77
CA LYS B 10 -0.98 27.44 18.62
C LYS B 10 -1.85 26.21 18.46
N LYS B 11 -3.02 26.20 19.15
CA LYS B 11 -3.95 25.09 19.16
C LYS B 11 -5.04 25.26 18.10
N PRO B 12 -5.60 24.16 17.57
CA PRO B 12 -5.33 22.77 17.92
C PRO B 12 -4.06 22.22 17.29
N PHE B 13 -3.47 21.22 17.92
CA PHE B 13 -2.27 20.64 17.35
C PHE B 13 -2.17 19.17 17.73
N VAL B 14 -1.34 18.45 16.96
CA VAL B 14 -0.80 17.16 17.32
C VAL B 14 0.72 17.27 17.29
N LYS B 15 1.39 16.68 18.29
CA LYS B 15 2.84 16.69 18.35
C LYS B 15 3.32 15.27 18.58
N VAL B 16 4.28 14.81 17.78
CA VAL B 16 4.84 13.48 17.96
C VAL B 16 6.35 13.60 18.19
N GLU B 17 6.87 12.84 19.15
CA GLU B 17 8.30 12.90 19.44
C GLU B 17 8.83 11.51 19.81
N ASP B 18 10.01 11.16 19.31
CA ASP B 18 10.60 9.89 19.69
C ASP B 18 11.07 9.99 21.14
N MET B 19 10.77 8.97 21.94
CA MET B 19 11.05 9.03 23.37
C MET B 19 12.55 9.07 23.69
N SER B 20 13.41 8.70 22.74
CA SER B 20 14.84 8.84 22.99
C SER B 20 15.30 10.29 22.99
N GLN B 21 14.48 11.19 22.44
CA GLN B 21 14.80 12.60 22.26
C GLN B 21 16.00 12.81 21.35
N LEU B 22 16.27 11.85 20.48
CA LEU B 22 17.32 12.00 19.48
C LEU B 22 16.88 12.79 18.24
N TYR B 23 15.58 12.92 17.99
CA TYR B 23 15.12 13.42 16.72
C TYR B 23 14.16 14.59 16.91
N ARG B 24 14.07 15.41 15.86
CA ARG B 24 13.16 16.54 15.88
C ARG B 24 11.72 16.05 16.01
N PRO B 25 10.91 16.65 16.89
CA PRO B 25 9.49 16.34 16.90
C PRO B 25 8.86 16.71 15.55
N PHE B 26 7.70 16.16 15.30
CA PHE B 26 6.95 16.66 14.16
C PHE B 26 5.53 17.01 14.59
N TYR B 27 4.96 17.99 13.91
CA TYR B 27 3.81 18.71 14.40
C TYR B 27 2.73 18.75 13.33
N LEU B 28 1.50 18.87 13.78
CA LEU B 28 0.39 19.17 12.91
C LEU B 28 -0.38 20.31 13.53
N GLN B 29 -0.59 21.37 12.78
CA GLN B 29 -1.51 22.42 13.17
C GLN B 29 -2.51 22.59 12.04
N LEU B 30 -3.79 22.58 12.38
CA LEU B 30 -4.84 22.78 11.40
C LEU B 30 -5.85 23.71 12.02
N THR B 31 -6.70 24.28 11.16
CA THR B 31 -7.76 25.15 11.66
C THR B 31 -8.76 24.35 12.48
N ASN B 32 -9.19 23.22 11.93
CA ASN B 32 -10.20 22.35 12.53
C ASN B 32 -9.64 20.93 12.67
N MET B 33 -9.76 20.38 13.88
CA MET B 33 -9.55 18.96 14.12
C MET B 33 -10.64 18.13 13.44
N PRO B 34 -10.35 16.87 13.12
CA PRO B 34 -11.27 16.07 12.32
C PRO B 34 -12.61 15.92 13.03
N PHE B 35 -13.67 15.93 12.24
CA PHE B 35 -15.02 15.79 12.76
C PHE B 35 -15.69 14.66 12.01
N ILE B 36 -16.28 13.70 12.72
CA ILE B 36 -16.98 12.60 12.05
C ILE B 36 -18.32 13.12 11.55
N ASN B 37 -18.47 13.16 10.24
CA ASN B 37 -19.66 13.70 9.57
C ASN B 37 -20.55 12.53 9.18
N TYR B 38 -21.64 12.33 9.92
CA TYR B 38 -22.55 11.26 9.58
C TYR B 38 -23.60 11.68 8.57
N SER B 39 -23.71 12.98 8.28
CA SER B 39 -24.74 13.47 7.37
C SER B 39 -24.34 13.29 5.91
N ILE B 40 -23.04 13.32 5.62
CA ILE B 40 -22.62 13.22 4.23
C ILE B 40 -22.98 11.82 3.70
N GLN B 41 -23.44 11.76 2.46
CA GLN B 41 -24.02 10.53 1.94
C GLN B 41 -22.95 9.49 1.66
N LYS B 42 -23.24 8.25 2.02
CA LYS B 42 -22.28 7.21 1.67
C LYS B 42 -22.20 7.11 0.14
N PRO B 43 -21.04 6.74 -0.40
CA PRO B 43 -19.86 6.16 0.26
C PRO B 43 -18.81 7.18 0.71
N CYS B 44 -19.15 8.48 0.75
CA CYS B 44 -18.14 9.50 1.07
C CYS B 44 -17.53 9.29 2.46
N SER B 45 -16.26 9.66 2.56
CA SER B 45 -15.57 9.60 3.86
C SER B 45 -16.31 10.48 4.87
N PRO B 46 -16.45 10.04 6.12
CA PRO B 46 -17.00 10.94 7.13
C PRO B 46 -16.04 12.07 7.46
N PHE B 47 -14.83 12.06 6.92
CA PHE B 47 -13.92 13.17 7.12
C PHE B 47 -13.82 14.05 5.88
N ASP B 48 -14.72 13.89 4.91
CA ASP B 48 -14.61 14.62 3.65
C ASP B 48 -15.04 16.07 3.84
N VAL B 49 -14.16 17.01 3.50
CA VAL B 49 -14.46 18.43 3.66
C VAL B 49 -14.29 19.18 2.34
N ASP B 50 -14.09 18.45 1.26
CA ASP B 50 -13.90 19.08 -0.05
C ASP B 50 -15.23 19.48 -0.68
N LYS B 86 4.23 13.55 -13.15
CA LYS B 86 5.42 13.25 -13.94
C LYS B 86 6.69 13.79 -13.27
N LYS B 87 6.59 14.06 -11.97
CA LYS B 87 7.74 14.44 -11.16
C LYS B 87 8.12 13.26 -10.26
N GLY B 88 9.40 13.14 -9.95
CA GLY B 88 9.80 12.05 -9.09
C GLY B 88 11.31 11.93 -8.93
N TYR B 89 11.72 10.72 -8.57
CA TYR B 89 13.10 10.35 -8.27
C TYR B 89 13.47 9.11 -9.07
N CYS B 90 14.57 9.18 -9.81
CA CYS B 90 15.07 8.01 -10.53
C CYS B 90 15.95 7.19 -9.61
N GLU B 91 15.55 5.95 -9.33
CA GLU B 91 16.32 5.07 -8.46
C GLU B 91 17.57 4.52 -9.13
N CYS B 92 17.66 4.60 -10.45
CA CYS B 92 18.85 4.16 -11.16
C CYS B 92 19.93 5.23 -11.17
N CYS B 93 19.53 6.46 -11.52
CA CYS B 93 20.46 7.57 -11.63
C CYS B 93 20.70 8.27 -10.30
N LEU B 94 19.85 8.00 -9.29
CA LEU B 94 19.86 8.69 -8.01
C LEU B 94 19.73 10.21 -8.20
N GLN B 95 18.65 10.60 -8.86
CA GLN B 95 18.45 11.97 -9.30
C GLN B 95 16.97 12.29 -9.29
N LYS B 96 16.62 13.47 -8.79
CA LYS B 96 15.27 13.96 -8.98
C LYS B 96 15.07 14.40 -10.42
N TYR B 97 13.82 14.30 -10.88
CA TYR B 97 13.45 14.81 -12.19
C TYR B 97 12.09 15.47 -12.07
N GLU B 98 11.86 16.45 -12.94
CA GLU B 98 10.57 17.10 -13.00
C GLU B 98 9.67 16.56 -14.09
N ASP B 99 10.24 15.96 -15.15
CA ASP B 99 9.46 15.35 -16.21
C ASP B 99 10.00 13.95 -16.52
N LEU B 100 9.19 12.93 -16.21
CA LEU B 100 9.61 11.54 -16.41
C LEU B 100 10.10 11.29 -17.83
N GLU B 101 9.29 11.61 -18.85
CA GLU B 101 9.68 11.33 -20.23
C GLU B 101 11.00 12.01 -20.59
N THR B 102 11.20 13.24 -20.12
CA THR B 102 12.45 13.94 -20.40
C THR B 102 13.63 13.24 -19.74
N HIS B 103 13.47 12.85 -18.47
CA HIS B 103 14.56 12.16 -17.78
C HIS B 103 14.93 10.87 -18.48
N LEU B 104 13.93 10.11 -18.95
CA LEU B 104 14.19 8.81 -19.55
C LEU B 104 15.02 8.92 -20.81
N LEU B 105 14.99 10.08 -21.46
CA LEU B 105 15.74 10.30 -22.68
C LEU B 105 17.13 10.85 -22.42
N SER B 106 17.42 11.22 -21.19
CA SER B 106 18.72 11.80 -20.88
C SER B 106 19.82 10.77 -21.12
N GLU B 107 21.02 11.28 -21.41
CA GLU B 107 22.16 10.42 -21.70
C GLU B 107 22.53 9.54 -20.51
N GLN B 108 22.51 10.10 -19.29
CA GLN B 108 22.82 9.32 -18.11
C GLN B 108 21.83 8.17 -17.93
N HIS B 109 20.55 8.45 -18.10
CA HIS B 109 19.60 7.37 -17.91
C HIS B 109 19.72 6.32 -19.00
N ARG B 110 19.95 6.75 -20.26
CA ARG B 110 20.12 5.77 -21.34
C ARG B 110 21.31 4.86 -21.08
N ASN B 111 22.41 5.41 -20.58
CA ASN B 111 23.57 4.55 -20.31
C ASN B 111 23.25 3.51 -19.24
N PHE B 112 22.51 3.88 -18.21
CA PHE B 112 22.12 2.88 -17.20
C PHE B 112 21.18 1.85 -17.81
N ALA B 113 20.20 2.31 -18.58
CA ALA B 113 19.22 1.40 -19.18
C ALA B 113 19.89 0.32 -20.00
N GLN B 114 21.01 0.65 -20.65
CA GLN B 114 21.66 -0.28 -21.58
C GLN B 114 22.79 -1.08 -20.92
N SER B 115 22.96 -0.94 -19.60
CA SER B 115 24.08 -1.54 -18.88
C SER B 115 23.77 -2.98 -18.47
N ASN B 116 24.71 -3.58 -17.71
CA ASN B 116 24.52 -4.93 -17.16
C ASN B 116 23.78 -4.93 -15.83
N GLN B 117 23.26 -3.79 -15.39
CA GLN B 117 22.64 -3.71 -14.06
C GLN B 117 21.36 -4.53 -13.94
N TYR B 118 20.81 -5.03 -15.04
CA TYR B 118 19.55 -5.77 -15.00
C TYR B 118 19.78 -7.27 -15.00
N GLN B 119 21.03 -7.72 -14.89
CA GLN B 119 21.25 -9.17 -14.83
C GLN B 119 20.44 -9.80 -13.71
N VAL B 120 20.22 -9.08 -12.59
CA VAL B 120 19.43 -9.64 -11.50
C VAL B 120 17.98 -9.92 -11.93
N VAL B 121 17.42 -9.11 -12.82
CA VAL B 121 16.10 -9.39 -13.38
C VAL B 121 16.18 -10.57 -14.32
N ASP B 122 17.15 -10.55 -15.24
CA ASP B 122 17.21 -11.60 -16.25
C ASP B 122 17.39 -12.97 -15.61
N ASP B 123 18.09 -13.03 -14.48
CA ASP B 123 18.30 -14.30 -13.79
C ASP B 123 16.96 -14.90 -13.33
N ILE B 124 16.02 -14.06 -12.89
CA ILE B 124 14.70 -14.58 -12.50
C ILE B 124 13.90 -14.98 -13.73
N VAL B 125 13.91 -14.15 -14.77
CA VAL B 125 13.17 -14.45 -15.98
C VAL B 125 13.59 -15.80 -16.55
N SER B 126 14.90 -16.10 -16.54
CA SER B 126 15.37 -17.33 -17.18
C SER B 126 14.80 -18.59 -16.55
N LYS B 127 14.23 -18.50 -15.34
CA LYS B 127 13.58 -19.62 -14.68
C LYS B 127 12.08 -19.71 -14.94
N LEU B 128 11.47 -18.72 -15.60
CA LEU B 128 10.06 -18.80 -15.96
C LEU B 128 9.92 -19.57 -17.28
N VAL B 129 8.75 -20.16 -17.49
CA VAL B 129 8.49 -20.92 -18.72
C VAL B 129 7.60 -20.10 -19.64
N PHE B 130 8.05 -19.92 -20.87
CA PHE B 130 7.29 -19.20 -21.89
C PHE B 130 6.29 -20.16 -22.54
N ASP B 131 4.99 -19.86 -22.42
CA ASP B 131 3.99 -20.79 -22.94
C ASP B 131 2.98 -20.12 -23.89
N PHE B 132 3.30 -18.92 -24.39
CA PHE B 132 2.49 -18.23 -25.38
C PHE B 132 2.95 -18.61 -26.77
N VAL B 133 2.05 -18.43 -27.75
CA VAL B 133 2.42 -18.55 -29.16
C VAL B 133 3.18 -17.28 -29.55
N GLU B 134 4.33 -17.44 -30.20
CA GLU B 134 5.09 -16.32 -30.72
C GLU B 134 5.00 -16.35 -32.25
N TYR B 135 4.54 -15.25 -32.81
CA TYR B 135 4.40 -15.08 -34.26
C TYR B 135 5.69 -14.57 -34.88
N GLU B 136 5.97 -15.03 -36.10
CA GLU B 136 6.99 -14.35 -36.90
C GLU B 136 6.56 -12.92 -37.20
N LYS B 137 7.56 -12.05 -37.34
CA LYS B 137 7.30 -10.68 -37.78
C LYS B 137 6.58 -10.65 -39.14
N ASP B 138 5.62 -9.74 -39.26
CA ASP B 138 4.89 -9.56 -40.50
C ASP B 138 5.66 -8.61 -41.40
N THR B 139 6.06 -9.09 -42.57
CA THR B 139 6.73 -8.19 -43.49
C THR B 139 5.76 -7.71 -44.56
N PRO B 140 5.79 -6.43 -44.89
CA PRO B 140 4.92 -5.93 -45.96
C PRO B 140 5.25 -6.62 -47.28
N LYS B 141 4.21 -6.87 -48.06
CA LYS B 141 4.33 -7.58 -49.33
C LYS B 141 3.84 -6.70 -50.46
N LYS B 142 4.58 -6.73 -51.56
CA LYS B 142 4.25 -5.93 -52.75
C LYS B 142 4.10 -4.45 -52.41
N LEU C 6 -6.82 7.09 -5.42
CA LEU C 6 -6.09 6.61 -4.24
C LEU C 6 -4.80 5.93 -4.68
N THR C 7 -3.88 6.72 -5.20
CA THR C 7 -2.62 6.16 -5.68
C THR C 7 -1.60 6.11 -4.56
N PRO C 10 4.43 9.01 -4.00
CA PRO C 10 5.59 9.05 -4.91
C PRO C 10 6.86 8.31 -4.44
N GLY C 11 7.14 8.24 -3.16
CA GLY C 11 8.41 7.68 -2.71
C GLY C 11 8.32 6.23 -2.24
N ARG C 12 9.41 5.48 -2.43
CA ARG C 12 9.53 4.16 -1.82
C ARG C 12 11.00 3.91 -1.48
N ASP C 13 11.27 2.78 -0.83
CA ASP C 13 12.59 2.43 -0.29
C ASP C 13 13.57 2.04 -1.40
N LEU C 14 14.85 2.26 -1.10
CA LEU C 14 16.03 1.94 -1.92
C LEU C 14 16.14 2.89 -3.09
#